data_2ZD7
#
_entry.id   2ZD7
#
_cell.length_a   80.692
_cell.length_b   84.580
_cell.length_c   86.224
_cell.angle_alpha   90.00
_cell.angle_beta   90.00
_cell.angle_gamma   90.00
#
_symmetry.space_group_name_H-M   'P 21 21 21'
#
loop_
_entity.id
_entity.type
_entity.pdbx_description
1 polymer 'Vacuolar protein sorting-associated protein 75'
2 polymer EVDLPLSDEEPSS
3 water water
#
loop_
_entity_poly.entity_id
_entity_poly.type
_entity_poly.pdbx_seq_one_letter_code
_entity_poly.pdbx_strand_id
1 'polypeptide(L)'
;MMSDQENENEHAKAFLGLAKCEEEVDAIEREVELYRLNKMKPVYEKRDAYIDEIAEFWKIVLSQHVSFANYIRASDFKYI
DTIDKIKVEWLALESEMYDTRDFSITFHFHGIEGDFKEQQVTKVFQIKKGKDDQEDGILTSEPVPIEWPQSYDSINPDLI
KDKRSPEGKKKYRQGMKTIFGWFRWTGLKPGKEFPHGDSLASLFSEEIYPFCVKYYAEAQRDLEDEEGESGLSADGDSED
DDGSLGEVDLPLSDEEPSSKKRKV
;
A,B
2 'polypeptide(L)' EVDLPLSDEEPSS C
#
# COMPACT_ATOMS: atom_id res chain seq x y z
N ASP A 4 25.73 6.91 -31.79
CA ASP A 4 24.51 7.01 -30.92
C ASP A 4 24.59 8.24 -30.01
N GLN A 5 25.46 9.17 -30.38
CA GLN A 5 25.62 10.40 -29.62
C GLN A 5 24.29 11.16 -29.57
N GLU A 6 23.41 10.86 -30.51
CA GLU A 6 22.11 11.51 -30.57
C GLU A 6 21.09 10.76 -29.71
N ASN A 7 21.17 9.44 -29.73
CA ASN A 7 20.25 8.61 -28.95
C ASN A 7 20.57 8.67 -27.46
N GLU A 8 21.84 8.50 -27.11
CA GLU A 8 22.24 8.55 -25.70
C GLU A 8 21.91 9.94 -25.15
N ASN A 9 21.85 10.93 -26.04
CA ASN A 9 21.52 12.29 -25.66
C ASN A 9 20.01 12.34 -25.46
N GLU A 10 19.28 11.63 -26.32
CA GLU A 10 17.83 11.57 -26.25
C GLU A 10 17.41 10.85 -24.97
N HIS A 11 18.15 9.79 -24.62
CA HIS A 11 17.86 9.04 -23.41
C HIS A 11 18.16 9.91 -22.20
N ALA A 12 19.24 10.69 -22.28
CA ALA A 12 19.62 11.58 -21.18
C ALA A 12 18.54 12.64 -21.01
N LYS A 13 18.11 13.23 -22.12
CA LYS A 13 17.06 14.24 -22.08
C LYS A 13 15.81 13.64 -21.45
N ALA A 14 15.49 12.42 -21.87
CA ALA A 14 14.33 11.70 -21.37
C ALA A 14 14.41 11.49 -19.86
N PHE A 15 15.55 10.97 -19.40
CA PHE A 15 15.75 10.71 -17.98
C PHE A 15 15.63 12.00 -17.16
N LEU A 16 16.18 13.09 -17.69
CA LEU A 16 16.09 14.36 -16.99
C LEU A 16 14.63 14.78 -16.94
N GLY A 17 13.93 14.57 -18.05
CA GLY A 17 12.54 14.94 -18.13
C GLY A 17 11.68 14.15 -17.15
N LEU A 18 11.96 12.85 -17.05
CA LEU A 18 11.22 11.97 -16.16
C LEU A 18 11.48 12.32 -14.70
N ALA A 19 12.72 12.66 -14.37
CA ALA A 19 13.05 13.03 -13.00
C ALA A 19 12.24 14.25 -12.60
N LYS A 20 12.09 15.20 -13.52
CA LYS A 20 11.32 16.40 -13.21
C LYS A 20 9.84 16.07 -13.04
N CYS A 21 9.33 15.13 -13.85
CA CYS A 21 7.93 14.74 -13.76
C CYS A 21 7.63 14.09 -12.41
N GLU A 22 8.55 13.26 -11.92
CA GLU A 22 8.36 12.62 -10.63
C GLU A 22 8.28 13.68 -9.54
N GLU A 23 9.10 14.71 -9.64
CA GLU A 23 9.08 15.79 -8.67
C GLU A 23 7.70 16.42 -8.65
N GLU A 24 7.13 16.63 -9.83
CA GLU A 24 5.80 17.23 -9.95
C GLU A 24 4.74 16.31 -9.35
N VAL A 25 4.93 15.00 -9.52
CA VAL A 25 4.00 14.03 -8.97
C VAL A 25 4.06 14.10 -7.45
N ASP A 26 5.27 14.22 -6.91
CA ASP A 26 5.44 14.31 -5.45
C ASP A 26 4.72 15.53 -4.91
N ALA A 27 4.82 16.64 -5.64
CA ALA A 27 4.16 17.87 -5.22
C ALA A 27 2.64 17.68 -5.25
N ILE A 28 2.15 17.02 -6.30
CA ILE A 28 0.73 16.78 -6.42
C ILE A 28 0.22 15.89 -5.27
N GLU A 29 0.96 14.83 -4.95
CA GLU A 29 0.57 13.93 -3.87
C GLU A 29 0.40 14.71 -2.57
N ARG A 30 1.32 15.63 -2.29
CA ARG A 30 1.22 16.41 -1.06
C ARG A 30 -0.02 17.30 -1.10
N GLU A 31 -0.22 18.00 -2.21
CA GLU A 31 -1.40 18.87 -2.34
C GLU A 31 -2.70 18.09 -2.13
N VAL A 32 -2.76 16.89 -2.70
CA VAL A 32 -3.94 16.06 -2.59
C VAL A 32 -4.14 15.59 -1.15
N GLU A 33 -3.05 15.23 -0.48
CA GLU A 33 -3.17 14.76 0.90
C GLU A 33 -3.59 15.89 1.85
N LEU A 34 -3.11 17.11 1.61
CA LEU A 34 -3.50 18.25 2.46
C LEU A 34 -4.98 18.53 2.30
N TYR A 35 -5.48 18.41 1.08
CA TYR A 35 -6.90 18.61 0.79
C TYR A 35 -7.72 17.55 1.56
N ARG A 36 -7.29 16.30 1.45
CA ARG A 36 -8.01 15.23 2.13
C ARG A 36 -7.98 15.44 3.63
N LEU A 37 -6.83 15.79 4.17
CA LEU A 37 -6.74 15.96 5.63
C LEU A 37 -7.59 17.13 6.13
N ASN A 38 -7.66 18.21 5.36
CA ASN A 38 -8.48 19.36 5.77
C ASN A 38 -9.97 19.03 5.73
N LYS A 39 -10.42 18.34 4.69
CA LYS A 39 -11.81 17.97 4.55
C LYS A 39 -12.21 16.93 5.61
N MET A 40 -11.27 16.05 5.94
CA MET A 40 -11.52 14.98 6.91
C MET A 40 -11.54 15.46 8.37
N LYS A 41 -10.75 16.48 8.69
CA LYS A 41 -10.70 16.98 10.07
C LYS A 41 -12.08 17.16 10.71
N PRO A 42 -13.00 17.88 10.05
CA PRO A 42 -14.36 18.11 10.58
C PRO A 42 -15.15 16.80 10.74
N VAL A 43 -14.94 15.87 9.82
CA VAL A 43 -15.64 14.59 9.89
C VAL A 43 -15.09 13.77 11.06
N TYR A 44 -13.78 13.81 11.26
CA TYR A 44 -13.21 13.07 12.39
C TYR A 44 -13.75 13.62 13.72
N GLU A 45 -13.92 14.93 13.80
CA GLU A 45 -14.42 15.53 15.04
C GLU A 45 -15.83 15.06 15.35
N LYS A 46 -16.67 15.03 14.32
CA LYS A 46 -18.06 14.61 14.48
C LYS A 46 -18.10 13.13 14.83
N ARG A 47 -17.35 12.32 14.09
CA ARG A 47 -17.33 10.89 14.33
C ARG A 47 -16.79 10.55 15.71
N ASP A 48 -15.73 11.24 16.12
CA ASP A 48 -15.12 10.98 17.41
C ASP A 48 -16.10 11.30 18.55
N ALA A 49 -16.98 12.26 18.31
CA ALA A 49 -17.96 12.63 19.33
C ALA A 49 -18.93 11.46 19.54
N TYR A 50 -19.26 10.75 18.45
CA TYR A 50 -20.12 9.58 18.56
C TYR A 50 -19.38 8.44 19.22
N ILE A 51 -18.09 8.33 18.91
CA ILE A 51 -17.25 7.28 19.48
C ILE A 51 -17.18 7.39 21.01
N ASP A 52 -17.16 8.63 21.51
CA ASP A 52 -17.07 8.86 22.95
C ASP A 52 -18.30 8.36 23.69
N GLU A 53 -19.37 8.05 22.97
CA GLU A 53 -20.62 7.56 23.61
C GLU A 53 -20.62 6.05 23.73
N ILE A 54 -19.59 5.41 23.20
CA ILE A 54 -19.46 3.95 23.23
C ILE A 54 -18.25 3.63 24.11
N ALA A 55 -18.49 3.47 25.41
CA ALA A 55 -17.42 3.23 26.37
C ALA A 55 -16.33 2.21 26.04
N GLU A 56 -16.71 1.06 25.52
CA GLU A 56 -15.70 0.03 25.23
C GLU A 56 -15.23 0.01 23.78
N PHE A 57 -15.49 1.09 23.05
CA PHE A 57 -15.09 1.19 21.64
C PHE A 57 -13.61 0.87 21.38
N TRP A 58 -12.72 1.65 21.98
CA TRP A 58 -11.30 1.44 21.73
C TRP A 58 -10.78 0.11 22.19
N LYS A 59 -11.27 -0.38 23.33
CA LYS A 59 -10.82 -1.68 23.79
C LYS A 59 -11.13 -2.73 22.70
N ILE A 60 -12.33 -2.67 22.12
CA ILE A 60 -12.72 -3.62 21.08
C ILE A 60 -11.91 -3.46 19.78
N VAL A 61 -11.73 -2.21 19.37
CA VAL A 61 -10.96 -1.91 18.16
C VAL A 61 -9.52 -2.42 18.25
N LEU A 62 -8.87 -2.11 19.37
CA LEU A 62 -7.49 -2.50 19.56
C LEU A 62 -7.28 -4.01 19.62
N SER A 63 -8.27 -4.73 20.16
CA SER A 63 -8.14 -6.18 20.22
C SER A 63 -8.50 -6.77 18.86
N GLN A 64 -9.22 -5.99 18.04
CA GLN A 64 -9.63 -6.46 16.73
C GLN A 64 -8.54 -6.34 15.65
N HIS A 65 -7.74 -5.30 15.72
CA HIS A 65 -6.68 -5.11 14.74
C HIS A 65 -5.83 -6.37 14.63
N VAL A 66 -5.46 -6.72 13.39
CA VAL A 66 -4.70 -7.92 13.10
C VAL A 66 -3.26 -8.03 13.59
N SER A 67 -2.54 -6.92 13.63
CA SER A 67 -1.15 -6.94 14.05
C SER A 67 -0.79 -6.15 15.29
N PHE A 68 -1.69 -5.25 15.72
CA PHE A 68 -1.41 -4.45 16.91
C PHE A 68 -0.90 -5.32 18.06
N ALA A 69 -1.60 -6.43 18.29
CA ALA A 69 -1.25 -7.35 19.37
C ALA A 69 0.17 -7.89 19.29
N ASN A 70 0.72 -7.97 18.08
CA ASN A 70 2.08 -8.48 17.91
C ASN A 70 3.17 -7.58 18.48
N TYR A 71 2.84 -6.31 18.74
CA TYR A 71 3.84 -5.36 19.24
C TYR A 71 4.04 -5.31 20.76
N ILE A 72 3.08 -5.79 21.53
CA ILE A 72 3.24 -5.74 22.98
C ILE A 72 2.87 -7.00 23.74
N ARG A 73 3.43 -7.12 24.95
CA ARG A 73 3.18 -8.28 25.79
C ARG A 73 1.68 -8.41 26.06
N ALA A 74 1.17 -9.64 26.04
CA ALA A 74 -0.25 -9.87 26.30
C ALA A 74 -0.56 -9.21 27.63
N SER A 75 0.45 -9.18 28.49
CA SER A 75 0.35 -8.59 29.82
C SER A 75 -0.09 -7.13 29.80
N ASP A 76 0.35 -6.38 28.79
CA ASP A 76 -0.01 -4.96 28.69
C ASP A 76 -1.49 -4.73 28.41
N PHE A 77 -2.19 -5.74 27.87
CA PHE A 77 -3.58 -5.53 27.54
C PHE A 77 -4.49 -5.16 28.70
N LYS A 78 -4.06 -5.48 29.91
CA LYS A 78 -4.83 -5.10 31.09
C LYS A 78 -4.96 -3.56 31.05
N TYR A 79 -3.87 -2.91 30.66
CA TYR A 79 -3.83 -1.45 30.61
C TYR A 79 -4.33 -0.88 29.29
N ILE A 80 -4.06 -1.59 28.19
CA ILE A 80 -4.54 -1.14 26.89
C ILE A 80 -6.08 -1.14 26.91
N ASP A 81 -6.66 -2.09 27.65
CA ASP A 81 -8.10 -2.18 27.76
C ASP A 81 -8.72 -0.95 28.45
N THR A 82 -7.93 -0.13 29.13
CA THR A 82 -8.48 1.06 29.78
C THR A 82 -8.47 2.30 28.90
N ILE A 83 -7.94 2.17 27.69
CA ILE A 83 -7.94 3.32 26.78
C ILE A 83 -9.37 3.61 26.36
N ASP A 84 -9.84 4.82 26.62
CA ASP A 84 -11.19 5.16 26.22
C ASP A 84 -11.25 6.37 25.30
N LYS A 85 -10.10 6.76 24.76
CA LYS A 85 -10.07 7.84 23.78
C LYS A 85 -8.73 7.93 23.09
N ILE A 86 -8.79 8.04 21.75
CA ILE A 86 -7.58 8.19 20.96
C ILE A 86 -7.87 9.27 19.94
N LYS A 87 -7.00 10.26 19.84
CA LYS A 87 -7.20 11.34 18.88
C LYS A 87 -5.90 11.64 18.17
N VAL A 88 -5.95 11.60 16.85
CA VAL A 88 -4.76 11.86 16.04
C VAL A 88 -4.97 13.19 15.36
N GLU A 89 -3.91 13.99 15.32
CA GLU A 89 -3.95 15.30 14.67
C GLU A 89 -2.74 15.37 13.76
N TRP A 90 -2.97 15.78 12.52
CA TRP A 90 -1.88 15.87 11.55
C TRP A 90 -1.22 17.23 11.57
N LEU A 91 0.06 17.23 11.88
CA LEU A 91 0.85 18.44 12.01
C LEU A 91 0.96 19.30 10.76
N ALA A 92 0.87 18.67 9.59
CA ALA A 92 0.98 19.40 8.32
C ALA A 92 -0.12 20.42 8.15
N LEU A 93 -1.19 20.28 8.93
CA LEU A 93 -2.31 21.22 8.84
C LEU A 93 -1.99 22.51 9.58
N GLU A 94 -1.02 22.46 10.48
CA GLU A 94 -0.62 23.64 11.26
C GLU A 94 0.52 24.40 10.59
N SER A 95 1.39 23.68 9.89
CA SER A 95 2.53 24.29 9.21
C SER A 95 2.99 23.44 8.05
N GLU A 96 3.35 24.08 6.94
CA GLU A 96 3.81 23.35 5.76
C GLU A 96 5.22 22.80 5.88
N MET A 97 5.86 23.08 7.02
CA MET A 97 7.21 22.58 7.24
C MET A 97 7.15 21.14 7.72
N TYR A 98 5.94 20.70 8.06
CA TYR A 98 5.73 19.34 8.52
C TYR A 98 5.36 18.44 7.37
N ASP A 99 5.87 17.22 7.40
CA ASP A 99 5.60 16.22 6.39
C ASP A 99 4.14 15.78 6.60
N THR A 100 3.49 15.40 5.52
CA THR A 100 2.10 14.96 5.55
C THR A 100 1.88 13.75 6.49
N ARG A 101 2.97 13.04 6.80
CA ARG A 101 2.90 11.88 7.67
C ARG A 101 3.10 12.19 9.15
N ASP A 102 3.41 13.45 9.47
CA ASP A 102 3.66 13.83 10.86
C ASP A 102 2.37 13.99 11.65
N PHE A 103 2.37 13.49 12.88
CA PHE A 103 1.15 13.58 13.68
C PHE A 103 1.39 13.49 15.18
N SER A 104 0.40 13.95 15.93
CA SER A 104 0.45 13.84 17.39
C SER A 104 -0.68 12.88 17.70
N ILE A 105 -0.50 12.02 18.69
CA ILE A 105 -1.55 11.11 19.06
C ILE A 105 -1.74 11.25 20.57
N THR A 106 -3.01 11.41 20.96
CA THR A 106 -3.37 11.60 22.34
C THR A 106 -4.21 10.45 22.84
N PHE A 107 -3.77 9.84 23.93
CA PHE A 107 -4.47 8.73 24.53
C PHE A 107 -5.02 9.12 25.89
N HIS A 108 -6.19 8.60 26.24
CA HIS A 108 -6.69 8.80 27.60
C HIS A 108 -6.89 7.39 28.14
N PHE A 109 -6.34 7.12 29.33
CA PHE A 109 -6.48 5.82 29.97
C PHE A 109 -7.36 6.03 31.20
N HIS A 110 -8.35 5.16 31.39
CA HIS A 110 -9.26 5.24 32.53
C HIS A 110 -8.54 4.81 33.80
N GLY A 111 -7.55 3.93 33.67
CA GLY A 111 -6.80 3.48 34.84
C GLY A 111 -7.37 2.27 35.57
N ILE A 112 -6.64 1.79 36.59
CA ILE A 112 -7.05 0.65 37.40
C ILE A 112 -6.76 1.00 38.87
N GLU A 113 -7.77 0.92 39.72
CA GLU A 113 -7.61 1.28 41.13
C GLU A 113 -6.38 0.64 41.78
N GLY A 114 -5.58 1.50 42.41
CA GLY A 114 -4.37 1.07 43.10
C GLY A 114 -3.19 0.64 42.26
N ASP A 115 -3.36 0.58 40.95
CA ASP A 115 -2.27 0.12 40.08
C ASP A 115 -1.90 1.09 38.96
N PHE A 116 -2.90 1.56 38.23
CA PHE A 116 -2.67 2.42 37.08
C PHE A 116 -3.51 3.69 37.15
N LYS A 117 -2.84 4.83 37.14
CA LYS A 117 -3.51 6.12 37.23
C LYS A 117 -4.23 6.55 35.95
N GLU A 118 -5.38 7.20 36.14
CA GLU A 118 -6.15 7.73 35.02
C GLU A 118 -5.30 8.88 34.48
N GLN A 119 -5.08 8.92 33.18
CA GLN A 119 -4.22 9.96 32.64
C GLN A 119 -4.36 10.13 31.13
N GLN A 120 -3.94 11.29 30.65
CA GLN A 120 -3.96 11.61 29.22
C GLN A 120 -2.51 11.87 28.80
N VAL A 121 -2.09 11.21 27.72
CA VAL A 121 -0.73 11.36 27.23
C VAL A 121 -0.72 11.58 25.72
N THR A 122 0.14 12.49 25.28
CA THR A 122 0.28 12.83 23.87
C THR A 122 1.71 12.60 23.38
N LYS A 123 1.87 11.84 22.30
CA LYS A 123 3.19 11.60 21.75
C LYS A 123 3.22 12.19 20.34
N VAL A 124 4.37 12.72 19.94
CA VAL A 124 4.52 13.35 18.63
C VAL A 124 5.48 12.61 17.71
N PHE A 125 5.05 12.36 16.49
CA PHE A 125 5.89 11.66 15.52
C PHE A 125 6.12 12.55 14.31
N GLN A 126 7.38 12.64 13.88
CA GLN A 126 7.78 13.46 12.74
C GLN A 126 8.81 12.74 11.89
N ILE A 127 8.74 12.95 10.58
CA ILE A 127 9.66 12.32 9.64
C ILE A 127 11.04 12.98 9.67
N LYS A 128 12.06 12.18 9.41
CA LYS A 128 13.45 12.64 9.32
C LYS A 128 14.13 11.79 8.25
N LYS A 129 15.12 12.37 7.58
CA LYS A 129 15.84 11.66 6.54
C LYS A 129 17.34 11.67 6.79
N GLY A 130 18.06 10.74 6.17
CA GLY A 130 19.50 10.66 6.34
C GLY A 130 20.24 11.14 5.11
N LYS A 131 19.47 11.50 4.07
CA LYS A 131 20.00 11.98 2.80
C LYS A 131 20.59 10.92 1.88
N ASP A 132 20.87 11.32 0.64
CA ASP A 132 21.41 10.44 -0.38
C ASP A 132 20.36 9.47 -0.92
N ASP A 133 20.27 8.30 -0.29
CA ASP A 133 19.29 7.29 -0.70
C ASP A 133 17.90 7.95 -0.78
N GLN A 134 17.12 7.54 -1.78
CA GLN A 134 15.77 8.09 -1.99
C GLN A 134 15.07 8.38 -0.66
N GLU A 135 15.35 7.54 0.33
CA GLU A 135 14.80 7.66 1.68
C GLU A 135 13.63 8.62 1.82
N ASP A 136 12.43 8.07 1.93
CA ASP A 136 11.24 8.90 2.10
C ASP A 136 11.38 9.47 3.50
N GLY A 137 12.33 8.90 4.25
CA GLY A 137 12.57 9.32 5.62
C GLY A 137 11.91 8.32 6.55
N ILE A 138 12.22 8.41 7.84
CA ILE A 138 11.60 7.50 8.80
C ILE A 138 11.03 8.31 9.95
N LEU A 139 10.07 7.72 10.66
CA LEU A 139 9.45 8.41 11.78
C LEU A 139 10.38 8.47 12.97
N THR A 140 10.30 9.58 13.70
CA THR A 140 11.10 9.79 14.91
C THR A 140 10.16 10.42 15.93
N SER A 141 10.54 10.39 17.20
CA SER A 141 9.69 10.98 18.22
C SER A 141 10.54 11.40 19.42
N GLU A 142 9.89 12.09 20.35
CA GLU A 142 10.55 12.55 21.58
C GLU A 142 9.88 11.79 22.70
N PRO A 143 10.62 11.47 23.77
CA PRO A 143 10.01 10.75 24.89
C PRO A 143 8.96 11.65 25.53
N VAL A 144 7.89 11.06 26.04
CA VAL A 144 6.83 11.81 26.69
C VAL A 144 6.48 11.08 27.98
N PRO A 145 6.26 11.83 29.07
CA PRO A 145 5.93 11.20 30.36
C PRO A 145 4.61 10.45 30.45
N ILE A 146 4.66 9.31 31.14
CA ILE A 146 3.48 8.49 31.37
C ILE A 146 3.75 7.81 32.70
N GLU A 147 2.73 7.70 33.54
CA GLU A 147 2.95 7.06 34.83
C GLU A 147 2.69 5.58 34.66
N TRP A 148 3.74 4.80 34.84
CA TRP A 148 3.69 3.35 34.71
C TRP A 148 2.86 2.72 35.83
N PRO A 149 2.33 1.50 35.61
CA PRO A 149 1.53 0.80 36.62
C PRO A 149 2.41 0.50 37.83
N GLN A 150 1.85 0.58 39.02
CA GLN A 150 2.61 0.28 40.24
C GLN A 150 3.20 -1.13 40.15
N SER A 151 2.45 -2.06 39.62
CA SER A 151 2.94 -3.44 39.54
C SER A 151 4.13 -3.60 38.58
N TYR A 152 4.36 -2.58 37.74
CA TYR A 152 5.46 -2.62 36.78
C TYR A 152 6.73 -2.01 37.38
N ASP A 153 6.70 -1.72 38.68
CA ASP A 153 7.86 -1.12 39.35
C ASP A 153 9.19 -1.81 39.08
N SER A 154 9.21 -3.15 39.09
CA SER A 154 10.46 -3.86 38.87
C SER A 154 11.02 -3.81 37.45
N ILE A 155 10.19 -3.47 36.47
CA ILE A 155 10.68 -3.38 35.09
C ILE A 155 10.60 -1.93 34.60
N ASN A 156 10.36 -1.00 35.51
CA ASN A 156 10.27 0.42 35.19
C ASN A 156 11.71 0.91 35.01
N PRO A 157 12.04 1.45 33.82
CA PRO A 157 13.39 1.95 33.51
C PRO A 157 13.92 2.99 34.48
N ASP A 158 13.03 3.81 35.03
CA ASP A 158 13.45 4.86 35.96
C ASP A 158 13.58 4.41 37.42
N LEU A 159 13.16 3.19 37.72
CA LEU A 159 13.24 2.69 39.10
C LEU A 159 14.31 1.61 39.30
N ILE A 160 14.64 0.90 38.22
CA ILE A 160 15.66 -0.15 38.30
C ILE A 160 17.00 0.48 38.65
N LYS A 161 17.59 0.05 39.75
CA LYS A 161 18.88 0.59 40.18
C LYS A 161 20.06 0.00 39.42
N ASP A 162 20.10 -1.33 39.29
CA ASP A 162 21.19 -2.00 38.59
C ASP A 162 21.01 -1.97 37.07
N LYS A 163 20.05 -2.75 36.59
CA LYS A 163 19.77 -2.86 35.15
C LYS A 163 21.00 -3.08 34.29
N ARG A 164 22.08 -3.55 34.92
CA ARG A 164 23.31 -3.86 34.21
C ARG A 164 23.71 -5.27 34.63
N SER A 165 23.21 -5.69 35.79
CA SER A 165 23.47 -7.02 36.30
C SER A 165 22.59 -7.97 35.49
N PRO A 166 22.85 -9.29 35.57
CA PRO A 166 22.06 -10.26 34.82
C PRO A 166 20.55 -10.07 34.97
N GLU A 167 20.07 -10.02 36.21
CA GLU A 167 18.64 -9.85 36.47
C GLU A 167 18.14 -8.44 36.16
N GLY A 168 18.94 -7.43 36.49
CA GLY A 168 18.55 -6.06 36.22
C GLY A 168 18.44 -5.78 34.73
N LYS A 169 19.37 -6.33 33.96
CA LYS A 169 19.38 -6.14 32.52
C LYS A 169 18.15 -6.79 31.90
N LYS A 170 17.77 -7.95 32.45
CA LYS A 170 16.61 -8.68 31.95
C LYS A 170 15.34 -7.88 32.27
N LYS A 171 15.21 -7.42 33.50
CA LYS A 171 14.05 -6.64 33.92
C LYS A 171 13.97 -5.37 33.07
N TYR A 172 15.11 -4.73 32.85
CA TYR A 172 15.19 -3.51 32.05
C TYR A 172 14.64 -3.75 30.64
N ARG A 173 15.13 -4.80 29.98
CA ARG A 173 14.68 -5.08 28.63
C ARG A 173 13.18 -5.39 28.59
N GLN A 174 12.67 -6.04 29.62
CA GLN A 174 11.24 -6.38 29.65
C GLN A 174 10.39 -5.11 29.68
N GLY A 175 10.81 -4.14 30.48
CA GLY A 175 10.07 -2.90 30.58
C GLY A 175 10.07 -2.10 29.30
N MET A 176 11.21 -2.05 28.62
CA MET A 176 11.33 -1.32 27.37
C MET A 176 10.47 -1.93 26.27
N LYS A 177 10.05 -3.18 26.45
CA LYS A 177 9.22 -3.84 25.45
C LYS A 177 7.71 -3.70 25.75
N THR A 178 7.37 -3.02 26.84
CA THR A 178 5.97 -2.80 27.19
C THR A 178 5.46 -1.55 26.46
N ILE A 179 4.15 -1.37 26.43
CA ILE A 179 3.54 -0.22 25.79
C ILE A 179 4.05 1.07 26.42
N PHE A 180 4.36 1.01 27.71
CA PHE A 180 4.86 2.18 28.41
C PHE A 180 6.26 2.53 27.92
N GLY A 181 7.04 1.51 27.54
CA GLY A 181 8.38 1.76 27.02
C GLY A 181 8.28 2.46 25.67
N TRP A 182 7.22 2.14 24.93
CA TRP A 182 6.99 2.75 23.62
C TRP A 182 6.87 4.26 23.74
N PHE A 183 6.37 4.74 24.89
CA PHE A 183 6.22 6.18 25.03
C PHE A 183 7.53 6.96 25.07
N ARG A 184 8.64 6.29 25.36
CA ARG A 184 9.91 6.99 25.36
C ARG A 184 10.71 6.66 24.08
N TRP A 185 10.07 5.95 23.15
CA TRP A 185 10.73 5.60 21.88
C TRP A 185 11.04 6.88 21.11
N THR A 186 12.13 6.88 20.34
CA THR A 186 12.52 8.07 19.56
C THR A 186 12.90 7.70 18.13
N GLY A 187 13.36 6.47 17.93
CA GLY A 187 13.77 6.03 16.61
C GLY A 187 15.19 6.43 16.26
N LEU A 188 15.88 7.06 17.22
CA LEU A 188 17.24 7.51 17.01
C LEU A 188 18.31 6.64 17.69
N LYS A 189 17.89 5.56 18.33
CA LYS A 189 18.82 4.65 19.00
C LYS A 189 18.47 3.19 18.67
N PRO A 190 18.59 2.80 17.40
CA PRO A 190 18.27 1.44 16.94
C PRO A 190 18.81 0.34 17.85
N GLY A 191 17.94 -0.62 18.19
CA GLY A 191 18.34 -1.72 19.05
C GLY A 191 18.31 -1.42 20.54
N LYS A 192 18.10 -0.16 20.91
CA LYS A 192 18.07 0.22 22.31
C LYS A 192 16.69 0.64 22.82
N GLU A 193 15.69 0.64 21.95
CA GLU A 193 14.35 1.06 22.34
C GLU A 193 13.26 0.05 22.05
N PHE A 194 12.02 0.44 22.36
CA PHE A 194 10.85 -0.40 22.11
C PHE A 194 10.96 -0.89 20.68
N PRO A 195 10.95 -2.21 20.47
CA PRO A 195 11.06 -2.78 19.11
C PRO A 195 9.96 -2.33 18.16
N HIS A 196 10.37 -1.85 16.99
CA HIS A 196 9.44 -1.41 15.95
C HIS A 196 8.48 -0.31 16.41
N GLY A 197 8.99 0.62 17.20
CA GLY A 197 8.15 1.71 17.67
C GLY A 197 7.60 2.52 16.52
N ASP A 198 8.35 2.56 15.42
CA ASP A 198 7.95 3.30 14.24
C ASP A 198 6.77 2.65 13.52
N SER A 199 6.80 1.33 13.37
CA SER A 199 5.71 0.63 12.71
C SER A 199 4.45 0.72 13.56
N LEU A 200 4.61 0.70 14.88
CA LEU A 200 3.45 0.80 15.75
C LEU A 200 2.82 2.18 15.58
N ALA A 201 3.63 3.23 15.56
CA ALA A 201 3.11 4.58 15.38
C ALA A 201 2.33 4.69 14.07
N SER A 202 2.85 4.10 13.00
CA SER A 202 2.15 4.15 11.71
C SER A 202 0.86 3.36 11.78
N LEU A 203 0.83 2.29 12.57
CA LEU A 203 -0.40 1.51 12.68
C LEU A 203 -1.50 2.44 13.19
N PHE A 204 -1.14 3.32 14.11
CA PHE A 204 -2.12 4.24 14.66
C PHE A 204 -2.61 5.31 13.69
N SER A 205 -1.68 6.02 13.06
CA SER A 205 -2.06 7.10 12.15
C SER A 205 -2.64 6.65 10.82
N GLU A 206 -2.21 5.48 10.35
CA GLU A 206 -2.67 5.01 9.05
C GLU A 206 -3.79 3.98 9.10
N GLU A 207 -3.89 3.24 10.20
CA GLU A 207 -4.92 2.21 10.27
C GLU A 207 -5.91 2.27 11.41
N ILE A 208 -5.39 2.22 12.64
CA ILE A 208 -6.28 2.21 13.80
C ILE A 208 -7.14 3.44 13.94
N TYR A 209 -6.56 4.63 13.90
CA TYR A 209 -7.41 5.79 14.06
C TYR A 209 -8.34 6.06 12.88
N PRO A 210 -7.82 5.97 11.64
CA PRO A 210 -8.71 6.22 10.50
C PRO A 210 -9.84 5.20 10.30
N PHE A 211 -9.54 3.91 10.51
CA PHE A 211 -10.55 2.88 10.27
C PHE A 211 -11.11 2.18 11.50
N CYS A 212 -10.95 2.79 12.66
CA CYS A 212 -11.47 2.18 13.89
C CYS A 212 -12.93 1.73 13.76
N VAL A 213 -13.78 2.53 13.11
CA VAL A 213 -15.18 2.16 13.01
C VAL A 213 -15.37 0.88 12.20
N LYS A 214 -14.57 0.69 11.16
CA LYS A 214 -14.68 -0.53 10.37
C LYS A 214 -14.24 -1.72 11.23
N TYR A 215 -13.23 -1.52 12.08
CA TYR A 215 -12.76 -2.60 12.95
C TYR A 215 -13.83 -2.94 13.99
N TYR A 216 -14.43 -1.91 14.57
CA TYR A 216 -15.49 -2.09 15.57
C TYR A 216 -16.68 -2.87 14.99
N ALA A 217 -17.10 -2.49 13.78
CA ALA A 217 -18.22 -3.14 13.12
C ALA A 217 -17.91 -4.62 12.88
N GLU A 218 -16.70 -4.89 12.40
CA GLU A 218 -16.27 -6.26 12.12
C GLU A 218 -16.32 -7.08 13.41
N ALA A 219 -15.93 -6.46 14.54
CA ALA A 219 -15.93 -7.13 15.82
C ALA A 219 -17.37 -7.40 16.30
N GLN A 220 -18.26 -6.44 16.08
CA GLN A 220 -19.65 -6.59 16.49
C GLN A 220 -20.36 -7.60 15.58
N ARG A 221 -19.88 -7.72 14.35
CA ARG A 221 -20.44 -8.64 13.38
C ARG A 221 -20.12 -10.09 13.75
N ASP A 222 -18.98 -10.31 14.39
CA ASP A 222 -18.57 -11.65 14.79
C ASP A 222 -19.33 -12.15 16.02
N LEU A 223 -20.07 -11.25 16.66
CA LEU A 223 -20.83 -11.61 17.85
C LEU A 223 -22.23 -12.10 17.45
N GLU A 224 -22.54 -12.00 16.16
CA GLU A 224 -23.84 -12.44 15.66
C GLU A 224 -23.71 -13.67 14.77
N ASP A 225 -24.68 -13.83 13.87
CA ASP A 225 -24.73 -14.95 12.92
C ASP A 225 -25.45 -16.16 13.53
N GLU B 10 -28.67 -0.51 23.21
CA GLU B 10 -28.21 0.90 23.26
C GLU B 10 -27.17 1.20 22.18
N HIS B 11 -26.63 2.40 22.19
CA HIS B 11 -25.63 2.83 21.22
C HIS B 11 -26.19 3.00 19.80
N ALA B 12 -27.48 2.70 19.61
CA ALA B 12 -28.10 2.82 18.30
C ALA B 12 -27.93 4.22 17.72
N LYS B 13 -28.18 5.25 18.52
CA LYS B 13 -28.04 6.62 18.06
C LYS B 13 -26.60 6.88 17.59
N ALA B 14 -25.63 6.42 18.37
CA ALA B 14 -24.23 6.61 18.01
C ALA B 14 -23.92 5.86 16.73
N PHE B 15 -24.39 4.62 16.64
CA PHE B 15 -24.16 3.80 15.46
C PHE B 15 -24.67 4.47 14.18
N LEU B 16 -25.88 5.02 14.24
CA LEU B 16 -26.44 5.70 13.08
C LEU B 16 -25.56 6.89 12.71
N GLY B 17 -25.07 7.60 13.71
CA GLY B 17 -24.20 8.74 13.47
C GLY B 17 -22.92 8.30 12.80
N LEU B 18 -22.35 7.19 13.27
CA LEU B 18 -21.11 6.66 12.72
C LEU B 18 -21.31 6.23 11.27
N ALA B 19 -22.48 5.66 10.96
CA ALA B 19 -22.77 5.23 9.60
C ALA B 19 -22.77 6.44 8.67
N LYS B 20 -23.35 7.54 9.13
CA LYS B 20 -23.41 8.78 8.34
C LYS B 20 -22.01 9.35 8.14
N CYS B 21 -21.16 9.22 9.16
CA CYS B 21 -19.81 9.73 9.04
C CYS B 21 -19.05 8.92 7.99
N GLU B 22 -19.23 7.60 7.99
CA GLU B 22 -18.53 6.79 7.01
C GLU B 22 -18.98 7.16 5.59
N GLU B 23 -20.25 7.55 5.44
CA GLU B 23 -20.75 7.95 4.14
C GLU B 23 -20.04 9.24 3.73
N GLU B 24 -19.84 10.15 4.68
CA GLU B 24 -19.15 11.39 4.38
C GLU B 24 -17.72 11.11 3.96
N VAL B 25 -17.10 10.09 4.57
CA VAL B 25 -15.74 9.71 4.23
C VAL B 25 -15.67 9.18 2.80
N ASP B 26 -16.62 8.33 2.43
CA ASP B 26 -16.62 7.80 1.06
C ASP B 26 -16.72 8.95 0.06
N ALA B 27 -17.57 9.93 0.36
CA ALA B 27 -17.75 11.09 -0.52
C ALA B 27 -16.46 11.87 -0.64
N ILE B 28 -15.75 12.04 0.47
CA ILE B 28 -14.49 12.76 0.44
C ILE B 28 -13.46 12.00 -0.40
N GLU B 29 -13.39 10.68 -0.22
CA GLU B 29 -12.43 9.88 -0.98
C GLU B 29 -12.65 10.06 -2.49
N ARG B 30 -13.92 10.12 -2.88
CA ARG B 30 -14.30 10.32 -4.27
C ARG B 30 -13.77 11.66 -4.77
N GLU B 31 -14.08 12.73 -4.03
CA GLU B 31 -13.62 14.07 -4.41
C GLU B 31 -12.10 14.14 -4.46
N VAL B 32 -11.45 13.54 -3.47
CA VAL B 32 -9.99 13.54 -3.40
C VAL B 32 -9.36 12.84 -4.61
N GLU B 33 -9.93 11.69 -4.99
CA GLU B 33 -9.39 10.95 -6.13
C GLU B 33 -9.59 11.72 -7.43
N LEU B 34 -10.75 12.35 -7.58
CA LEU B 34 -11.05 13.12 -8.79
C LEU B 34 -10.10 14.31 -8.90
N TYR B 35 -9.76 14.87 -7.75
CA TYR B 35 -8.85 16.00 -7.66
C TYR B 35 -7.46 15.54 -8.11
N ARG B 36 -7.07 14.37 -7.63
CA ARG B 36 -5.76 13.82 -7.98
C ARG B 36 -5.71 13.50 -9.47
N LEU B 37 -6.76 12.87 -10.00
CA LEU B 37 -6.77 12.51 -11.42
C LEU B 37 -6.69 13.74 -12.33
N ASN B 38 -7.33 14.83 -11.93
CA ASN B 38 -7.33 16.05 -12.69
C ASN B 38 -5.94 16.67 -12.69
N LYS B 39 -5.30 16.69 -11.52
CA LYS B 39 -3.96 17.26 -11.41
C LYS B 39 -2.91 16.43 -12.14
N MET B 40 -3.07 15.11 -12.16
CA MET B 40 -2.12 14.23 -12.80
C MET B 40 -2.18 14.17 -14.32
N LYS B 41 -3.35 14.43 -14.90
CA LYS B 41 -3.50 14.36 -16.36
C LYS B 41 -2.37 15.07 -17.13
N PRO B 42 -2.11 16.35 -16.82
CA PRO B 42 -1.06 17.11 -17.51
C PRO B 42 0.33 16.53 -17.31
N VAL B 43 0.59 16.05 -16.10
CA VAL B 43 1.89 15.46 -15.78
C VAL B 43 2.10 14.15 -16.50
N TYR B 44 1.03 13.35 -16.61
CA TYR B 44 1.14 12.09 -17.32
C TYR B 44 1.42 12.35 -18.80
N GLU B 45 0.75 13.34 -19.38
CA GLU B 45 0.96 13.67 -20.78
C GLU B 45 2.41 14.04 -21.02
N LYS B 46 2.92 14.93 -20.17
CA LYS B 46 4.32 15.37 -20.26
C LYS B 46 5.25 14.19 -20.07
N ARG B 47 4.96 13.38 -19.06
CA ARG B 47 5.75 12.20 -18.73
C ARG B 47 5.81 11.19 -19.87
N ASP B 48 4.65 10.87 -20.42
CA ASP B 48 4.58 9.89 -21.50
C ASP B 48 5.36 10.32 -22.75
N ALA B 49 5.41 11.62 -23.01
CA ALA B 49 6.16 12.13 -24.16
C ALA B 49 7.64 11.78 -24.03
N TYR B 50 8.16 11.83 -22.80
CA TYR B 50 9.55 11.48 -22.54
C TYR B 50 9.73 9.97 -22.65
N ILE B 51 8.74 9.22 -22.16
CA ILE B 51 8.77 7.77 -22.21
C ILE B 51 8.86 7.31 -23.67
N ASP B 52 8.13 7.98 -24.55
CA ASP B 52 8.12 7.65 -25.97
C ASP B 52 9.50 7.77 -26.61
N GLU B 53 10.42 8.42 -25.90
CA GLU B 53 11.78 8.60 -26.41
C GLU B 53 12.72 7.51 -25.94
N ILE B 54 12.23 6.62 -25.08
CA ILE B 54 13.05 5.53 -24.57
C ILE B 54 12.73 4.19 -25.23
N ALA B 55 13.69 3.71 -26.00
CA ALA B 55 13.59 2.45 -26.74
C ALA B 55 12.62 1.40 -26.21
N GLU B 56 13.17 0.44 -25.46
CA GLU B 56 12.40 -0.66 -24.90
C GLU B 56 11.82 -0.38 -23.53
N PHE B 57 11.32 0.83 -23.32
CA PHE B 57 10.77 1.18 -22.01
C PHE B 57 9.72 0.18 -21.52
N TRP B 58 8.60 0.07 -22.24
CA TRP B 58 7.54 -0.84 -21.82
C TRP B 58 7.95 -2.31 -21.81
N LYS B 59 8.87 -2.68 -22.69
CA LYS B 59 9.35 -4.05 -22.72
C LYS B 59 10.02 -4.34 -21.38
N ILE B 60 10.84 -3.40 -20.94
CA ILE B 60 11.57 -3.51 -19.69
C ILE B 60 10.67 -3.46 -18.46
N VAL B 61 9.70 -2.54 -18.48
CA VAL B 61 8.77 -2.40 -17.37
C VAL B 61 7.91 -3.65 -17.16
N LEU B 62 7.29 -4.13 -18.23
CA LEU B 62 6.43 -5.30 -18.15
C LEU B 62 7.18 -6.56 -17.74
N SER B 63 8.49 -6.60 -18.00
CA SER B 63 9.29 -7.75 -17.62
C SER B 63 9.84 -7.56 -16.20
N GLN B 64 9.72 -6.34 -15.69
CA GLN B 64 10.20 -6.02 -14.35
C GLN B 64 9.10 -6.24 -13.32
N HIS B 65 7.84 -6.05 -13.72
CA HIS B 65 6.72 -6.24 -12.81
C HIS B 65 6.65 -7.70 -12.39
N VAL B 66 6.48 -7.92 -11.09
CA VAL B 66 6.42 -9.28 -10.57
C VAL B 66 5.20 -10.09 -11.00
N SER B 67 4.04 -9.76 -10.45
CA SER B 67 2.83 -10.52 -10.75
C SER B 67 2.29 -10.47 -12.18
N PHE B 68 2.69 -9.46 -12.96
CA PHE B 68 2.19 -9.38 -14.35
C PHE B 68 2.41 -10.68 -15.11
N ALA B 69 3.64 -11.18 -15.11
CA ALA B 69 3.98 -12.41 -15.81
C ALA B 69 3.09 -13.60 -15.44
N ASN B 70 2.58 -13.62 -14.22
CA ASN B 70 1.73 -14.71 -13.77
C ASN B 70 0.37 -14.75 -14.47
N TYR B 71 -0.08 -13.60 -14.96
CA TYR B 71 -1.38 -13.54 -15.63
C TYR B 71 -1.39 -14.04 -17.07
N ILE B 72 -0.22 -14.09 -17.71
CA ILE B 72 -0.14 -14.52 -19.11
C ILE B 72 0.73 -15.74 -19.35
N ARG B 73 0.72 -16.22 -20.59
CA ARG B 73 1.51 -17.39 -20.95
C ARG B 73 2.94 -17.02 -21.34
N ALA B 74 3.85 -17.96 -21.16
CA ALA B 74 5.25 -17.76 -21.46
C ALA B 74 5.48 -17.30 -22.90
N SER B 75 4.81 -17.96 -23.84
CA SER B 75 4.95 -17.65 -25.25
C SER B 75 4.44 -16.26 -25.61
N ASP B 76 3.79 -15.58 -24.66
CA ASP B 76 3.26 -14.25 -24.92
C ASP B 76 4.29 -13.14 -24.85
N PHE B 77 5.34 -13.34 -24.07
CA PHE B 77 6.34 -12.31 -23.92
C PHE B 77 7.01 -11.88 -25.22
N LYS B 78 6.92 -12.73 -26.23
CA LYS B 78 7.48 -12.41 -27.53
C LYS B 78 6.74 -11.19 -28.09
N TYR B 79 5.42 -11.19 -27.90
CA TYR B 79 4.57 -10.12 -28.37
C TYR B 79 4.47 -8.97 -27.37
N ILE B 80 4.49 -9.30 -26.08
CA ILE B 80 4.43 -8.27 -25.05
C ILE B 80 5.64 -7.35 -25.21
N ASP B 81 6.75 -7.93 -25.66
CA ASP B 81 7.99 -7.17 -25.86
C ASP B 81 7.87 -6.14 -26.98
N THR B 82 6.85 -6.25 -27.80
CA THR B 82 6.65 -5.32 -28.91
C THR B 82 5.80 -4.11 -28.54
N ILE B 83 5.31 -4.07 -27.30
CA ILE B 83 4.50 -2.95 -26.84
C ILE B 83 5.41 -1.71 -26.78
N ASP B 84 5.07 -0.68 -27.55
CA ASP B 84 5.84 0.57 -27.62
C ASP B 84 5.16 1.73 -26.91
N LYS B 85 3.92 1.54 -26.53
CA LYS B 85 3.19 2.62 -25.86
C LYS B 85 1.96 2.12 -25.14
N ILE B 86 1.76 2.69 -23.95
CA ILE B 86 0.60 2.37 -23.13
C ILE B 86 0.10 3.69 -22.59
N LYS B 87 -1.17 3.97 -22.80
CA LYS B 87 -1.77 5.20 -22.28
C LYS B 87 -3.09 4.87 -21.61
N VAL B 88 -3.24 5.30 -20.36
CA VAL B 88 -4.46 5.08 -19.62
C VAL B 88 -5.15 6.43 -19.46
N GLU B 89 -6.46 6.45 -19.64
CA GLU B 89 -7.25 7.65 -19.49
C GLU B 89 -8.39 7.32 -18.55
N TRP B 90 -8.58 8.13 -17.52
CA TRP B 90 -9.63 7.89 -16.55
C TRP B 90 -10.92 8.54 -17.01
N LEU B 91 -11.94 7.71 -17.17
CA LEU B 91 -13.24 8.13 -17.66
C LEU B 91 -13.98 9.12 -16.78
N ALA B 92 -13.70 9.09 -15.48
CA ALA B 92 -14.36 9.99 -14.56
C ALA B 92 -14.04 11.46 -14.88
N LEU B 93 -12.99 11.69 -15.67
CA LEU B 93 -12.60 13.04 -16.04
C LEU B 93 -13.45 13.53 -17.21
N GLU B 94 -14.19 12.61 -17.82
CA GLU B 94 -15.05 12.95 -18.94
C GLU B 94 -16.48 13.16 -18.45
N SER B 95 -16.80 12.54 -17.32
CA SER B 95 -18.15 12.64 -16.76
C SER B 95 -18.30 11.88 -15.46
N GLU B 96 -19.27 12.31 -14.63
CA GLU B 96 -19.55 11.60 -13.41
C GLU B 96 -20.11 10.30 -13.97
N MET B 97 -21.07 9.70 -13.28
CA MET B 97 -21.66 8.47 -13.77
C MET B 97 -20.59 7.39 -13.86
N TYR B 98 -19.33 7.82 -13.95
CA TYR B 98 -18.19 6.91 -14.01
C TYR B 98 -17.52 6.84 -12.65
N ASP B 99 -17.12 5.64 -12.27
CA ASP B 99 -16.43 5.43 -11.00
C ASP B 99 -15.01 5.94 -11.29
N THR B 100 -14.29 6.38 -10.24
CA THR B 100 -12.94 6.89 -10.44
C THR B 100 -11.99 5.77 -10.84
N ARG B 101 -12.48 4.54 -10.80
CA ARG B 101 -11.67 3.39 -11.17
C ARG B 101 -11.84 3.09 -12.66
N ASP B 102 -12.82 3.72 -13.30
CA ASP B 102 -13.10 3.47 -14.71
C ASP B 102 -12.03 4.09 -15.61
N PHE B 103 -11.58 3.31 -16.60
CA PHE B 103 -10.52 3.78 -17.49
C PHE B 103 -10.47 3.07 -18.82
N SER B 104 -9.81 3.71 -19.79
CA SER B 104 -9.60 3.13 -21.10
C SER B 104 -8.09 2.98 -21.14
N ILE B 105 -7.60 1.90 -21.74
CA ILE B 105 -6.18 1.68 -21.84
C ILE B 105 -5.87 1.40 -23.31
N THR B 106 -4.90 2.12 -23.85
CA THR B 106 -4.52 1.95 -25.25
C THR B 106 -3.10 1.42 -25.39
N PHE B 107 -2.96 0.32 -26.13
CA PHE B 107 -1.66 -0.29 -26.35
C PHE B 107 -1.27 -0.14 -27.82
N HIS B 108 0.02 0.01 -28.07
CA HIS B 108 0.52 0.02 -29.45
C HIS B 108 1.56 -1.08 -29.53
N PHE B 109 1.34 -2.03 -30.43
CA PHE B 109 2.27 -3.13 -30.63
C PHE B 109 3.04 -2.81 -31.91
N HIS B 110 4.37 -2.90 -31.85
CA HIS B 110 5.20 -2.64 -33.02
C HIS B 110 5.08 -3.82 -33.96
N GLY B 111 4.71 -4.97 -33.41
CA GLY B 111 4.54 -6.16 -34.21
C GLY B 111 5.82 -6.93 -34.49
N ILE B 112 5.69 -8.01 -35.26
CA ILE B 112 6.82 -8.84 -35.65
C ILE B 112 6.62 -9.24 -37.10
N GLU B 113 7.58 -8.85 -37.93
CA GLU B 113 7.52 -9.15 -39.36
C GLU B 113 7.19 -10.61 -39.63
N GLY B 114 6.13 -10.83 -40.39
CA GLY B 114 5.70 -12.17 -40.76
C GLY B 114 4.97 -13.00 -39.73
N ASP B 115 4.61 -12.40 -38.60
CA ASP B 115 3.91 -13.15 -37.55
C ASP B 115 2.86 -12.37 -36.76
N PHE B 116 3.22 -11.15 -36.37
CA PHE B 116 2.32 -10.32 -35.57
C PHE B 116 2.32 -8.91 -36.16
N LYS B 117 1.15 -8.40 -36.52
CA LYS B 117 1.10 -7.07 -37.12
C LYS B 117 1.07 -5.88 -36.17
N GLU B 118 1.64 -4.77 -36.63
CA GLU B 118 1.67 -3.53 -35.86
C GLU B 118 0.23 -3.11 -35.73
N GLN B 119 -0.18 -2.72 -34.53
CA GLN B 119 -1.56 -2.31 -34.30
C GLN B 119 -1.76 -1.56 -32.99
N GLN B 120 -2.84 -0.80 -32.93
CA GLN B 120 -3.19 -0.03 -31.75
C GLN B 120 -4.55 -0.54 -31.28
N VAL B 121 -4.61 -0.97 -30.03
CA VAL B 121 -5.83 -1.50 -29.46
C VAL B 121 -6.18 -0.80 -28.16
N THR B 122 -7.46 -0.44 -28.03
CA THR B 122 -7.96 0.25 -26.83
C THR B 122 -9.04 -0.62 -26.16
N LYS B 123 -8.93 -0.81 -24.85
CA LYS B 123 -9.94 -1.60 -24.12
C LYS B 123 -10.47 -0.71 -23.00
N VAL B 124 -11.77 -0.77 -22.78
CA VAL B 124 -12.42 0.06 -21.76
C VAL B 124 -12.93 -0.75 -20.59
N PHE B 125 -12.59 -0.30 -19.38
CA PHE B 125 -13.00 -1.00 -18.16
C PHE B 125 -13.88 -0.09 -17.31
N GLN B 126 -15.02 -0.60 -16.86
CA GLN B 126 -15.96 0.17 -16.07
C GLN B 126 -16.49 -0.65 -14.91
N ILE B 127 -16.71 0.01 -13.78
CA ILE B 127 -17.23 -0.64 -12.60
C ILE B 127 -18.74 -0.88 -12.72
N LYS B 128 -19.18 -2.06 -12.29
CA LYS B 128 -20.60 -2.41 -12.27
C LYS B 128 -20.87 -3.00 -10.89
N LYS B 129 -22.04 -2.71 -10.33
CA LYS B 129 -22.38 -3.22 -9.00
C LYS B 129 -23.23 -4.49 -9.08
N ASP B 136 -16.97 -1.86 -3.00
CA ASP B 136 -17.83 -2.82 -3.69
C ASP B 136 -17.81 -2.54 -5.21
N GLY B 137 -18.45 -3.42 -5.98
CA GLY B 137 -18.46 -3.25 -7.41
C GLY B 137 -17.34 -4.05 -8.05
N ILE B 138 -17.47 -4.33 -9.35
CA ILE B 138 -16.44 -5.10 -10.03
C ILE B 138 -16.22 -4.54 -11.43
N LEU B 139 -15.00 -4.64 -11.92
CA LEU B 139 -14.69 -4.13 -13.26
C LEU B 139 -15.30 -5.02 -14.33
N THR B 140 -15.74 -4.38 -15.42
CA THR B 140 -16.31 -5.09 -16.55
C THR B 140 -15.75 -4.41 -17.81
N SER B 141 -15.95 -5.03 -18.97
CA SER B 141 -15.43 -4.48 -20.21
C SER B 141 -16.15 -5.09 -21.40
N GLU B 142 -15.87 -4.56 -22.58
CA GLU B 142 -16.44 -5.05 -23.83
C GLU B 142 -15.30 -5.68 -24.61
N PRO B 143 -15.59 -6.73 -25.39
CA PRO B 143 -14.50 -7.34 -26.16
C PRO B 143 -14.06 -6.30 -27.18
N VAL B 144 -12.78 -6.31 -27.50
CA VAL B 144 -12.22 -5.39 -28.50
C VAL B 144 -11.36 -6.20 -29.46
N PRO B 145 -11.48 -5.91 -30.76
CA PRO B 145 -10.69 -6.65 -31.76
C PRO B 145 -9.18 -6.49 -31.63
N ILE B 146 -8.46 -7.56 -31.92
CA ILE B 146 -7.02 -7.54 -31.90
C ILE B 146 -6.60 -8.68 -32.82
N GLU B 147 -5.64 -8.44 -33.72
CA GLU B 147 -5.24 -9.51 -34.60
C GLU B 147 -4.19 -10.36 -33.90
N TRP B 148 -4.56 -11.62 -33.64
CA TRP B 148 -3.67 -12.55 -32.97
C TRP B 148 -2.47 -12.91 -33.81
N PRO B 149 -1.36 -13.30 -33.17
CA PRO B 149 -0.15 -13.66 -33.89
C PRO B 149 -0.47 -14.84 -34.82
N GLN B 150 0.17 -14.86 -35.98
CA GLN B 150 -0.05 -15.93 -36.94
C GLN B 150 0.39 -17.23 -36.28
N SER B 151 1.38 -17.11 -35.39
CA SER B 151 1.93 -18.24 -34.66
C SER B 151 0.92 -18.89 -33.70
N TYR B 152 -0.20 -18.20 -33.47
CA TYR B 152 -1.24 -18.69 -32.56
C TYR B 152 -2.47 -19.26 -33.26
N ASP B 153 -2.37 -19.54 -34.56
CA ASP B 153 -3.52 -20.07 -35.28
C ASP B 153 -4.08 -21.34 -34.68
N SER B 154 -3.21 -22.18 -34.13
CA SER B 154 -3.65 -23.45 -33.54
C SER B 154 -4.41 -23.30 -32.23
N ILE B 155 -4.23 -22.16 -31.54
CA ILE B 155 -4.92 -21.94 -30.28
C ILE B 155 -5.85 -20.74 -30.38
N ASN B 156 -6.00 -20.21 -31.58
CA ASN B 156 -6.87 -19.06 -31.83
C ASN B 156 -8.33 -19.51 -31.75
N PRO B 157 -9.11 -18.93 -30.83
CA PRO B 157 -10.53 -19.26 -30.64
C PRO B 157 -11.39 -19.07 -31.88
N ASP B 158 -11.07 -18.04 -32.66
CA ASP B 158 -11.82 -17.75 -33.88
C ASP B 158 -11.47 -18.72 -35.02
N LEU B 159 -10.35 -19.42 -34.87
CA LEU B 159 -9.93 -20.36 -35.91
C LEU B 159 -10.22 -21.82 -35.58
N ILE B 160 -9.75 -22.28 -34.42
CA ILE B 160 -9.95 -23.67 -33.99
C ILE B 160 -11.22 -24.30 -34.54
N LYS B 161 -11.04 -25.37 -35.33
CA LYS B 161 -12.16 -26.08 -35.92
C LYS B 161 -12.47 -27.29 -35.07
N ASP B 162 -13.67 -27.30 -34.48
CA ASP B 162 -14.12 -28.38 -33.62
C ASP B 162 -13.36 -28.44 -32.30
N LYS B 163 -13.89 -27.75 -31.29
CA LYS B 163 -13.29 -27.74 -29.97
C LYS B 163 -13.98 -28.80 -29.12
N ARG B 164 -14.43 -29.86 -29.78
CA ARG B 164 -15.12 -30.96 -29.12
C ARG B 164 -14.13 -32.06 -28.72
N SER B 165 -13.04 -32.18 -29.46
CA SER B 165 -12.03 -33.19 -29.19
C SER B 165 -11.20 -32.79 -27.97
N PRO B 166 -10.63 -33.76 -27.25
CA PRO B 166 -9.81 -33.47 -26.06
C PRO B 166 -8.67 -32.50 -26.37
N GLU B 167 -8.19 -32.50 -27.61
CA GLU B 167 -7.11 -31.61 -28.01
C GLU B 167 -7.67 -30.25 -28.42
N GLY B 168 -8.87 -30.26 -29.01
CA GLY B 168 -9.49 -29.03 -29.43
C GLY B 168 -9.86 -28.18 -28.21
N LYS B 169 -10.15 -28.86 -27.11
CA LYS B 169 -10.51 -28.18 -25.86
C LYS B 169 -9.24 -27.67 -25.20
N LYS B 170 -8.18 -28.47 -25.25
CA LYS B 170 -6.92 -28.08 -24.64
C LYS B 170 -6.40 -26.82 -25.32
N LYS B 171 -6.51 -26.79 -26.65
CA LYS B 171 -6.05 -25.65 -27.42
C LYS B 171 -6.90 -24.40 -27.19
N TYR B 172 -8.21 -24.58 -27.05
CA TYR B 172 -9.09 -23.45 -26.81
C TYR B 172 -8.68 -22.83 -25.47
N ARG B 173 -8.48 -23.67 -24.47
CA ARG B 173 -8.08 -23.24 -23.12
C ARG B 173 -6.71 -22.55 -23.13
N GLN B 174 -5.78 -23.08 -23.93
CA GLN B 174 -4.44 -22.49 -24.02
C GLN B 174 -4.48 -21.08 -24.60
N GLY B 175 -5.25 -20.91 -25.67
CA GLY B 175 -5.35 -19.61 -26.31
C GLY B 175 -6.09 -18.57 -25.50
N MET B 176 -7.18 -18.97 -24.84
CA MET B 176 -7.97 -18.04 -24.05
C MET B 176 -7.23 -17.57 -22.81
N LYS B 177 -6.13 -18.25 -22.49
CA LYS B 177 -5.34 -17.88 -21.32
C LYS B 177 -4.14 -17.01 -21.72
N THR B 178 -4.04 -16.70 -23.01
CA THR B 178 -2.95 -15.84 -23.50
C THR B 178 -3.40 -14.40 -23.33
N ILE B 179 -2.46 -13.46 -23.46
CA ILE B 179 -2.79 -12.05 -23.32
C ILE B 179 -3.86 -11.65 -24.34
N PHE B 180 -3.86 -12.33 -25.48
CA PHE B 180 -4.86 -12.01 -26.49
C PHE B 180 -6.27 -12.39 -26.05
N GLY B 181 -6.40 -13.45 -25.25
CA GLY B 181 -7.72 -13.82 -24.76
C GLY B 181 -8.26 -12.74 -23.84
N TRP B 182 -7.34 -12.04 -23.18
CA TRP B 182 -7.71 -10.96 -22.28
C TRP B 182 -8.48 -9.86 -23.02
N PHE B 183 -8.15 -9.63 -24.28
CA PHE B 183 -8.86 -8.56 -24.96
C PHE B 183 -10.35 -8.78 -25.19
N ARG B 184 -10.79 -10.03 -25.13
CA ARG B 184 -12.23 -10.28 -25.30
C ARG B 184 -12.91 -10.52 -23.95
N TRP B 185 -12.17 -10.26 -22.87
CA TRP B 185 -12.69 -10.43 -21.50
C TRP B 185 -13.76 -9.37 -21.21
N THR B 186 -14.80 -9.74 -20.46
CA THR B 186 -15.87 -8.79 -20.15
C THR B 186 -16.20 -8.73 -18.66
N GLY B 187 -15.89 -9.80 -17.95
CA GLY B 187 -16.20 -9.86 -16.53
C GLY B 187 -17.66 -10.21 -16.27
N LEU B 188 -18.37 -10.57 -17.34
CA LEU B 188 -19.80 -10.89 -17.23
C LEU B 188 -20.12 -12.39 -17.24
N LYS B 189 -19.12 -13.21 -17.47
CA LYS B 189 -19.30 -14.66 -17.52
C LYS B 189 -18.23 -15.35 -16.69
N PRO B 190 -18.26 -15.13 -15.37
CA PRO B 190 -17.29 -15.73 -14.45
C PRO B 190 -17.01 -17.19 -14.77
N GLY B 191 -15.75 -17.52 -14.96
CA GLY B 191 -15.36 -18.88 -15.26
C GLY B 191 -15.29 -19.25 -16.72
N LYS B 192 -15.81 -18.40 -17.60
CA LYS B 192 -15.80 -18.70 -19.03
C LYS B 192 -14.86 -17.82 -19.85
N GLU B 193 -14.10 -16.96 -19.19
CA GLU B 193 -13.18 -16.05 -19.89
C GLU B 193 -11.78 -16.06 -19.33
N PHE B 194 -10.89 -15.30 -19.98
CA PHE B 194 -9.50 -15.18 -19.55
C PHE B 194 -9.51 -15.02 -18.04
N PRO B 195 -8.82 -15.91 -17.31
CA PRO B 195 -8.78 -15.85 -15.84
C PRO B 195 -8.28 -14.56 -15.21
N HIS B 196 -9.09 -14.01 -14.31
CA HIS B 196 -8.75 -12.81 -13.56
C HIS B 196 -8.42 -11.61 -14.45
N GLY B 197 -9.25 -11.39 -15.46
CA GLY B 197 -9.04 -10.28 -16.37
C GLY B 197 -9.18 -8.96 -15.65
N ASP B 198 -10.00 -8.95 -14.60
CA ASP B 198 -10.21 -7.73 -13.85
C ASP B 198 -8.98 -7.36 -13.03
N SER B 199 -8.32 -8.36 -12.44
CA SER B 199 -7.10 -8.11 -11.66
C SER B 199 -6.00 -7.60 -12.59
N LEU B 200 -5.91 -8.19 -13.78
CA LEU B 200 -4.91 -7.73 -14.74
C LEU B 200 -5.14 -6.27 -15.11
N ALA B 201 -6.41 -5.93 -15.35
CA ALA B 201 -6.75 -4.55 -15.69
C ALA B 201 -6.28 -3.62 -14.57
N SER B 202 -6.62 -3.97 -13.34
CA SER B 202 -6.21 -3.15 -12.21
C SER B 202 -4.69 -3.05 -12.11
N LEU B 203 -3.98 -4.09 -12.53
CA LEU B 203 -2.52 -4.03 -12.49
C LEU B 203 -2.04 -2.87 -13.36
N PHE B 204 -2.69 -2.71 -14.52
CA PHE B 204 -2.30 -1.64 -15.44
C PHE B 204 -2.66 -0.25 -14.97
N SER B 205 -3.88 -0.06 -14.50
CA SER B 205 -4.33 1.26 -14.06
C SER B 205 -3.82 1.68 -12.68
N GLU B 206 -3.50 0.71 -11.84
CA GLU B 206 -3.05 1.03 -10.48
C GLU B 206 -1.56 0.90 -10.22
N GLU B 207 -0.88 0.07 -10.99
CA GLU B 207 0.55 -0.15 -10.79
C GLU B 207 1.46 0.14 -11.97
N ILE B 208 1.28 -0.60 -13.06
CA ILE B 208 2.13 -0.47 -14.22
C ILE B 208 2.16 0.92 -14.85
N TYR B 209 1.00 1.48 -15.17
CA TYR B 209 0.99 2.80 -15.80
C TYR B 209 1.40 3.93 -14.88
N PRO B 210 0.86 3.98 -13.65
CA PRO B 210 1.26 5.07 -12.74
C PRO B 210 2.73 5.05 -12.33
N PHE B 211 3.24 3.86 -12.02
CA PHE B 211 4.61 3.77 -11.55
C PHE B 211 5.62 3.12 -12.48
N CYS B 212 5.34 3.12 -13.77
CA CYS B 212 6.26 2.51 -14.73
C CYS B 212 7.71 3.03 -14.61
N VAL B 213 7.88 4.33 -14.39
CA VAL B 213 9.23 4.88 -14.28
C VAL B 213 10.01 4.22 -13.15
N LYS B 214 9.35 4.04 -12.01
CA LYS B 214 10.00 3.41 -10.88
C LYS B 214 10.39 1.96 -11.21
N TYR B 215 9.55 1.28 -11.99
CA TYR B 215 9.87 -0.08 -12.37
C TYR B 215 11.08 -0.05 -13.30
N TYR B 216 11.13 0.95 -14.18
CA TYR B 216 12.24 1.07 -15.10
C TYR B 216 13.55 1.30 -14.35
N ALA B 217 13.52 2.21 -13.38
CA ALA B 217 14.69 2.52 -12.58
C ALA B 217 15.16 1.30 -11.80
N GLU B 218 14.20 0.47 -11.37
CA GLU B 218 14.50 -0.73 -10.62
C GLU B 218 15.14 -1.79 -11.51
N ALA B 219 14.76 -1.79 -12.79
CA ALA B 219 15.29 -2.75 -13.74
C ALA B 219 16.77 -2.49 -13.98
N GLN B 220 17.14 -1.21 -14.02
CA GLN B 220 18.54 -0.84 -14.23
C GLN B 220 19.30 -1.10 -12.94
N ARG B 221 18.67 -0.77 -11.82
CA ARG B 221 19.24 -0.98 -10.50
C ARG B 221 19.58 -2.45 -10.31
N ASP B 222 18.64 -3.33 -10.66
CA ASP B 222 18.82 -4.76 -10.54
C ASP B 222 19.98 -5.23 -11.41
N LEU B 223 19.96 -4.84 -12.69
CA LEU B 223 21.03 -5.20 -13.61
C LEU B 223 22.31 -4.48 -13.22
N GLU B 224 22.21 -3.60 -12.24
CA GLU B 224 23.35 -2.82 -11.77
C GLU B 224 24.08 -3.58 -10.66
N ASP B 225 23.35 -4.35 -9.87
CA ASP B 225 23.94 -5.12 -8.78
C ASP B 225 24.60 -6.38 -9.33
N GLU B 226 24.12 -6.84 -10.49
CA GLU B 226 24.67 -8.03 -11.12
C GLU B 226 25.99 -7.70 -11.82
N GLU B 227 26.13 -6.44 -12.22
CA GLU B 227 27.31 -5.93 -12.91
C GLU B 227 28.62 -6.52 -12.38
N GLU C 1 47.57 -19.92 26.44
CA GLU C 1 46.20 -20.15 26.99
C GLU C 1 45.91 -21.64 27.11
N VAL C 2 45.35 -22.05 28.24
CA VAL C 2 45.05 -23.47 28.48
C VAL C 2 43.76 -23.95 27.80
N ASP C 3 43.92 -24.79 26.78
CA ASP C 3 42.77 -25.34 26.08
C ASP C 3 42.37 -26.64 26.76
N LEU C 4 41.39 -26.58 27.64
CA LEU C 4 40.96 -27.76 28.36
C LEU C 4 40.52 -28.86 27.41
N PRO C 5 41.00 -30.10 27.64
CA PRO C 5 40.63 -31.22 26.78
C PRO C 5 39.13 -31.50 26.88
N LEU C 6 38.51 -31.85 25.75
CA LEU C 6 37.09 -32.12 25.73
C LEU C 6 36.75 -33.56 25.31
N SER C 7 37.78 -34.33 24.95
CA SER C 7 37.58 -35.73 24.55
C SER C 7 38.89 -36.37 24.09
N ASP C 8 38.78 -37.46 23.33
CA ASP C 8 39.93 -38.17 22.80
C ASP C 8 40.38 -37.54 21.49
N GLU C 9 41.66 -37.19 21.42
CA GLU C 9 42.23 -36.55 20.23
C GLU C 9 42.72 -37.55 19.19
N GLU C 10 42.35 -37.31 17.94
CA GLU C 10 42.77 -38.17 16.84
C GLU C 10 43.48 -37.31 15.79
N PRO C 11 44.66 -36.76 16.14
CA PRO C 11 45.44 -35.91 15.23
C PRO C 11 45.70 -36.55 13.86
N SER C 12 46.12 -37.81 13.86
CA SER C 12 46.38 -38.52 12.62
C SER C 12 45.18 -39.40 12.26
N SER C 13 44.91 -39.54 10.97
CA SER C 13 43.78 -40.34 10.50
C SER C 13 43.99 -40.90 9.09
#